data_5JNH
#
_entry.id   5JNH
#
_cell.length_a   107.752
_cell.length_b   107.752
_cell.length_c   112.024
_cell.angle_alpha   90.000
_cell.angle_beta   90.000
_cell.angle_gamma   120.000
#
_symmetry.space_group_name_H-M   'P 32 2 1'
#
loop_
_entity.id
_entity.type
_entity.pdbx_description
1 polymer 'CMP 5-hydroxymethylase'
2 water water
#
_entity_poly.entity_id   1
_entity_poly.type   'polypeptide(L)'
_entity_poly.pdbx_seq_one_letter_code
;METHTFGTFQDAYLSQLRDIYHSPEFRNAPRGQASRERIGAGFRLLDPVQRHISVPARRANVVFNFAEALWYLSGSDRLD
FIQYYAPGIAAYSADGRTLRGTAYGPRIFRHPAGGVNQWENVVKTLTDDPDSKRAVIQIFDPRELAVADNIDVACTLALQ
FLIRDGLLCGIGYMRANDAFRGAVSDVFSFTFLQEFTARYLGLGIGTYHHVVGSVHIYDSDARWAERVLDAATPDGGPRP
GFPAMPDGDNWPHVRRVLEWEERLRTNAARLSADALDALDLPAYWKHVVALFEAHRQVRHEDTPDRALLAALPEVYRQSL
AVKWPGHFGSPAGSLEHHHHHH
;
_entity_poly.pdbx_strand_id   A,B
#
# COMPACT_ATOMS: atom_id res chain seq x y z
N HIS A 4 1.69 -12.51 13.63
CA HIS A 4 2.40 -12.59 12.36
C HIS A 4 3.77 -11.91 12.39
N THR A 5 4.48 -12.04 13.51
CA THR A 5 5.84 -11.54 13.69
C THR A 5 6.84 -12.68 13.59
N PHE A 6 7.92 -12.45 12.84
CA PHE A 6 8.95 -13.46 12.63
C PHE A 6 10.32 -12.83 12.83
N GLY A 7 11.27 -13.67 13.27
CA GLY A 7 12.63 -13.19 13.47
C GLY A 7 13.36 -12.92 12.17
N THR A 8 13.24 -13.83 11.19
CA THR A 8 13.91 -13.72 9.90
C THR A 8 12.91 -13.94 8.78
N PHE A 9 13.28 -13.48 7.58
CA PHE A 9 12.41 -13.68 6.43
C PHE A 9 12.08 -15.16 6.23
N GLN A 10 13.08 -16.05 6.41
CA GLN A 10 12.87 -17.47 6.13
C GLN A 10 11.71 -18.05 6.95
N ASP A 11 11.62 -17.70 8.24
CA ASP A 11 10.50 -18.16 9.07
C ASP A 11 9.17 -17.65 8.52
N ALA A 12 9.10 -16.35 8.19
CA ALA A 12 7.88 -15.81 7.60
C ALA A 12 7.57 -16.47 6.26
N TYR A 13 8.60 -16.69 5.44
CA TYR A 13 8.39 -17.23 4.11
C TYR A 13 7.77 -18.63 4.17
N LEU A 14 8.34 -19.51 5.00
CA LEU A 14 7.84 -20.89 5.13
C LEU A 14 6.47 -20.94 5.79
N SER A 15 6.22 -20.08 6.78
CA SER A 15 4.93 -20.09 7.44
C SER A 15 3.83 -19.65 6.48
N GLN A 16 4.07 -18.58 5.70
CA GLN A 16 3.09 -18.13 4.72
C GLN A 16 2.87 -19.19 3.64
N LEU A 17 3.95 -19.83 3.20
CA LEU A 17 3.84 -20.88 2.19
C LEU A 17 2.96 -22.01 2.69
N ARG A 18 3.19 -22.45 3.93
CA ARG A 18 2.34 -23.46 4.54
C ARG A 18 0.88 -23.03 4.58
N ASP A 19 0.62 -21.76 4.98
CA ASP A 19 -0.75 -21.25 5.09
C ASP A 19 -1.50 -21.32 3.77
N ILE A 20 -0.92 -20.72 2.74
CA ILE A 20 -1.57 -20.68 1.43
C ILE A 20 -1.74 -22.09 0.89
N TYR A 21 -0.72 -22.93 1.05
CA TYR A 21 -0.77 -24.25 0.43
C TYR A 21 -1.83 -25.13 1.09
N HIS A 22 -1.90 -25.15 2.41
CA HIS A 22 -2.82 -26.05 3.09
C HIS A 22 -4.18 -25.42 3.38
N SER A 23 -4.27 -24.10 3.46
CA SER A 23 -5.56 -23.45 3.72
C SER A 23 -5.75 -22.23 2.82
N PRO A 24 -5.80 -22.43 1.50
CA PRO A 24 -6.06 -21.29 0.61
C PRO A 24 -7.45 -20.73 0.83
N GLU A 25 -7.57 -19.40 0.80
CA GLU A 25 -8.88 -18.78 0.85
C GLU A 25 -9.64 -19.02 -0.46
N PHE A 26 -8.93 -18.98 -1.59
CA PHE A 26 -9.54 -19.08 -2.91
C PHE A 26 -8.64 -19.89 -3.81
N ARG A 27 -9.27 -20.53 -4.78
CA ARG A 27 -8.55 -21.20 -5.86
C ARG A 27 -9.15 -20.71 -7.17
N ASN A 28 -8.35 -20.03 -7.97
CA ASN A 28 -8.84 -19.32 -9.14
C ASN A 28 -7.72 -19.27 -10.17
N ALA A 29 -7.91 -18.46 -11.21
CA ALA A 29 -6.94 -18.38 -12.32
C ALA A 29 -6.94 -16.99 -12.92
N PRO A 30 -6.34 -16.02 -12.23
CA PRO A 30 -6.22 -14.67 -12.81
C PRO A 30 -5.38 -14.73 -14.08
N ARG A 31 -5.89 -14.08 -15.14
CA ARG A 31 -5.21 -14.06 -16.43
C ARG A 31 -4.87 -15.48 -16.92
N GLY A 32 -5.73 -16.45 -16.58
CA GLY A 32 -5.58 -17.85 -16.99
C GLY A 32 -4.68 -18.74 -16.15
N GLN A 33 -4.13 -18.26 -15.02
CA GLN A 33 -3.09 -19.00 -14.28
C GLN A 33 -3.65 -19.56 -12.97
N ALA A 34 -3.82 -20.88 -12.91
CA ALA A 34 -4.42 -21.55 -11.76
C ALA A 34 -3.58 -21.35 -10.50
N SER A 35 -4.24 -21.02 -9.39
CA SER A 35 -3.55 -20.52 -8.21
C SER A 35 -4.28 -20.92 -6.94
N ARG A 36 -3.53 -21.05 -5.86
CA ARG A 36 -4.04 -20.96 -4.50
C ARG A 36 -3.77 -19.55 -4.00
N GLU A 37 -4.72 -18.99 -3.24
CA GLU A 37 -4.64 -17.56 -2.95
C GLU A 37 -5.15 -17.24 -1.54
N ARG A 38 -4.51 -16.26 -0.91
CA ARG A 38 -5.02 -15.61 0.29
C ARG A 38 -4.97 -14.11 0.06
N ILE A 39 -5.92 -13.40 0.66
CA ILE A 39 -6.14 -11.97 0.42
C ILE A 39 -5.70 -11.19 1.63
N GLY A 40 -4.93 -10.12 1.42
CA GLY A 40 -4.61 -9.20 2.49
C GLY A 40 -3.68 -9.80 3.53
N ALA A 41 -2.62 -10.46 3.08
CA ALA A 41 -1.70 -11.15 3.96
C ALA A 41 -0.40 -10.36 4.12
N GLY A 42 0.15 -10.40 5.32
CA GLY A 42 1.41 -9.74 5.58
C GLY A 42 2.18 -10.40 6.70
N PHE A 43 3.35 -9.83 6.98
CA PHE A 43 4.16 -10.29 8.09
C PHE A 43 5.10 -9.16 8.50
N ARG A 44 5.70 -9.34 9.66
CA ARG A 44 6.64 -8.39 10.20
C ARG A 44 7.91 -9.16 10.54
N LEU A 45 9.06 -8.64 10.13
CA LEU A 45 10.35 -9.25 10.39
C LEU A 45 11.12 -8.41 11.39
N LEU A 46 11.62 -9.06 12.45
CA LEU A 46 12.39 -8.35 13.45
C LEU A 46 13.81 -8.06 12.98
N ASP A 47 14.34 -8.89 12.08
CA ASP A 47 15.75 -8.84 11.68
C ASP A 47 15.84 -8.85 10.16
N PRO A 48 15.58 -7.72 9.50
CA PRO A 48 15.45 -7.72 8.02
C PRO A 48 16.77 -7.94 7.29
N VAL A 49 17.92 -7.71 7.92
CA VAL A 49 19.19 -8.04 7.28
C VAL A 49 19.29 -9.54 7.01
N GLN A 50 18.64 -10.36 7.84
CA GLN A 50 18.62 -11.82 7.62
C GLN A 50 17.54 -12.15 6.57
N ARG A 51 17.85 -11.80 5.33
CA ARG A 51 16.87 -11.70 4.26
C ARG A 51 16.88 -12.89 3.31
N HIS A 52 17.72 -13.89 3.56
CA HIS A 52 17.99 -14.96 2.60
C HIS A 52 17.24 -16.23 2.96
N ILE A 53 16.95 -17.04 1.94
CA ILE A 53 16.38 -18.38 2.11
C ILE A 53 17.52 -19.38 1.94
N SER A 54 17.81 -20.14 2.98
CA SER A 54 18.90 -21.10 2.91
C SER A 54 18.44 -22.55 2.86
N VAL A 55 17.14 -22.81 2.79
CA VAL A 55 16.60 -24.16 2.61
C VAL A 55 17.10 -24.70 1.27
N PRO A 56 17.91 -25.77 1.27
CA PRO A 56 18.51 -26.23 0.00
C PRO A 56 17.50 -26.57 -1.07
N ALA A 57 16.36 -27.16 -0.70
CA ALA A 57 15.35 -27.50 -1.69
C ALA A 57 14.85 -26.28 -2.45
N ARG A 58 14.97 -25.07 -1.88
CA ARG A 58 14.49 -23.88 -2.59
C ARG A 58 15.49 -23.37 -3.62
N ARG A 59 16.78 -23.72 -3.48
CA ARG A 59 17.82 -23.32 -4.44
C ARG A 59 17.82 -21.80 -4.68
N ALA A 60 17.74 -21.04 -3.60
CA ALA A 60 17.74 -19.60 -3.72
C ALA A 60 19.04 -19.11 -4.35
N ASN A 61 18.92 -18.13 -5.23
CA ASN A 61 20.03 -17.64 -6.06
C ASN A 61 20.45 -16.28 -5.52
N VAL A 62 21.48 -16.27 -4.68
CA VAL A 62 21.90 -15.00 -4.07
C VAL A 62 22.51 -14.07 -5.13
N VAL A 63 23.07 -14.61 -6.20
CA VAL A 63 23.62 -13.73 -7.23
C VAL A 63 22.51 -12.91 -7.85
N PHE A 64 21.44 -13.59 -8.28
CA PHE A 64 20.27 -12.88 -8.78
C PHE A 64 19.75 -11.87 -7.76
N ASN A 65 19.75 -12.24 -6.48
CA ASN A 65 19.20 -11.35 -5.46
C ASN A 65 19.94 -10.03 -5.43
N PHE A 66 21.28 -10.08 -5.39
CA PHE A 66 22.07 -8.85 -5.41
C PHE A 66 21.94 -8.12 -6.73
N ALA A 67 21.88 -8.87 -7.84
CA ALA A 67 21.82 -8.25 -9.16
C ALA A 67 20.57 -7.40 -9.32
N GLU A 68 19.42 -7.96 -8.92
CA GLU A 68 18.15 -7.22 -8.97
C GLU A 68 18.23 -5.94 -8.14
N ALA A 69 18.68 -6.07 -6.89
CA ALA A 69 18.76 -4.90 -6.01
C ALA A 69 19.71 -3.85 -6.58
N LEU A 70 20.88 -4.28 -7.09
CA LEU A 70 21.79 -3.32 -7.69
C LEU A 70 21.25 -2.77 -9.01
N TRP A 71 20.50 -3.59 -9.74
CA TRP A 71 19.82 -3.07 -10.92
C TRP A 71 18.86 -1.96 -10.52
N TYR A 72 18.11 -2.13 -9.42
CA TYR A 72 17.24 -1.08 -8.92
C TYR A 72 18.04 0.17 -8.57
N LEU A 73 19.13 0.00 -7.82
CA LEU A 73 19.96 1.13 -7.42
C LEU A 73 20.54 1.86 -8.64
N SER A 74 20.85 1.12 -9.71
CA SER A 74 21.37 1.75 -10.92
C SER A 74 20.33 2.68 -11.56
N GLY A 75 19.05 2.54 -11.22
CA GLY A 75 17.99 3.27 -11.90
C GLY A 75 17.65 2.78 -13.29
N SER A 76 18.17 1.63 -13.70
CA SER A 76 18.06 1.19 -15.09
C SER A 76 16.72 0.51 -15.38
N ASP A 77 16.24 0.67 -16.60
CA ASP A 77 15.13 -0.13 -17.12
C ASP A 77 15.58 -1.12 -18.18
N ARG A 78 16.89 -1.33 -18.31
CA ARG A 78 17.45 -2.11 -19.41
C ARG A 78 17.27 -3.60 -19.16
N LEU A 79 16.74 -4.31 -20.16
CA LEU A 79 16.56 -5.75 -20.06
C LEU A 79 17.90 -6.50 -20.01
N ASP A 80 18.93 -6.01 -20.69
CA ASP A 80 20.11 -6.85 -20.89
C ASP A 80 20.83 -7.14 -19.57
N PHE A 81 20.87 -6.15 -18.68
CA PHE A 81 21.46 -6.32 -17.35
C PHE A 81 20.83 -7.51 -16.63
N ILE A 82 19.51 -7.50 -16.52
CA ILE A 82 18.84 -8.39 -15.57
C ILE A 82 18.52 -9.75 -16.19
N GLN A 83 18.26 -9.82 -17.50
CA GLN A 83 17.98 -11.12 -18.11
C GLN A 83 19.20 -12.03 -18.12
N TYR A 84 20.38 -11.47 -17.96
CA TYR A 84 21.59 -12.26 -17.79
C TYR A 84 21.53 -13.11 -16.53
N TYR A 85 20.93 -12.57 -15.46
CA TYR A 85 20.78 -13.32 -14.21
C TYR A 85 19.50 -14.15 -14.17
N ALA A 86 18.47 -13.76 -14.92
CA ALA A 86 17.20 -14.48 -14.98
C ALA A 86 16.66 -14.42 -16.39
N PRO A 87 17.02 -15.38 -17.24
CA PRO A 87 16.61 -15.31 -18.65
C PRO A 87 15.10 -15.28 -18.86
N GLY A 88 14.31 -15.93 -18.01
CA GLY A 88 12.87 -15.92 -18.19
C GLY A 88 12.25 -14.54 -18.10
N ILE A 89 12.96 -13.58 -17.49
CA ILE A 89 12.39 -12.25 -17.31
C ILE A 89 12.16 -11.53 -18.65
N ALA A 90 12.75 -12.00 -19.75
CA ALA A 90 12.49 -11.40 -21.05
C ALA A 90 11.04 -11.56 -21.49
N ALA A 91 10.28 -12.48 -20.90
CA ALA A 91 8.87 -12.59 -21.26
C ALA A 91 8.04 -11.38 -20.83
N TYR A 92 8.58 -10.48 -20.00
CA TYR A 92 7.88 -9.27 -19.58
C TYR A 92 8.34 -8.03 -20.34
N SER A 93 9.21 -8.20 -21.32
CA SER A 93 9.69 -7.11 -22.15
C SER A 93 8.92 -7.10 -23.46
N ALA A 94 8.22 -6.00 -23.73
CA ALA A 94 7.47 -5.91 -24.99
C ALA A 94 8.37 -5.52 -26.16
N ASP A 95 9.45 -4.79 -25.90
CA ASP A 95 10.35 -4.33 -26.95
C ASP A 95 11.64 -5.13 -27.04
N GLY A 96 11.87 -6.11 -26.16
CA GLY A 96 13.10 -6.84 -26.17
C GLY A 96 14.32 -6.10 -25.67
N ARG A 97 14.17 -4.87 -25.16
CA ARG A 97 15.33 -4.22 -24.54
C ARG A 97 15.03 -3.43 -23.27
N THR A 98 13.78 -3.18 -22.91
CA THR A 98 13.45 -2.52 -21.66
C THR A 98 12.33 -3.27 -20.94
N LEU A 99 12.21 -3.02 -19.64
CA LEU A 99 11.09 -3.49 -18.87
C LEU A 99 10.33 -2.28 -18.31
N ARG A 100 9.06 -2.52 -17.95
CA ARG A 100 8.19 -1.45 -17.48
C ARG A 100 7.97 -1.66 -16.00
N GLY A 101 6.84 -2.24 -15.58
CA GLY A 101 6.57 -2.47 -14.17
C GLY A 101 7.56 -3.39 -13.45
N THR A 102 8.33 -4.18 -14.19
CA THR A 102 9.38 -4.97 -13.55
C THR A 102 10.56 -4.09 -13.13
N ALA A 103 10.77 -2.96 -13.80
CA ALA A 103 11.92 -2.10 -13.55
C ALA A 103 11.58 -1.10 -12.45
N TYR A 104 11.86 -1.46 -11.19
CA TYR A 104 11.60 -0.55 -10.08
C TYR A 104 12.59 0.61 -10.05
N GLY A 105 13.79 0.44 -10.62
CA GLY A 105 14.84 1.44 -10.56
C GLY A 105 14.39 2.83 -11.00
N PRO A 106 13.82 2.92 -12.21
CA PRO A 106 13.22 4.19 -12.62
C PRO A 106 12.11 4.67 -11.72
N ARG A 107 11.26 3.75 -11.21
CA ARG A 107 10.17 4.17 -10.32
C ARG A 107 10.70 4.83 -9.05
N ILE A 108 11.82 4.33 -8.53
CA ILE A 108 12.41 4.88 -7.32
C ILE A 108 13.11 6.22 -7.58
N PHE A 109 13.95 6.28 -8.63
CA PHE A 109 14.89 7.40 -8.77
C PHE A 109 14.47 8.41 -9.83
N ARG A 110 13.50 8.08 -10.68
CA ARG A 110 13.04 9.00 -11.71
C ARG A 110 11.64 8.61 -12.17
N HIS A 111 10.66 8.73 -11.28
CA HIS A 111 9.35 8.16 -11.53
C HIS A 111 8.71 8.81 -12.75
N PRO A 112 8.08 8.03 -13.63
CA PRO A 112 7.47 8.61 -14.84
C PRO A 112 6.42 9.70 -14.53
N ALA A 113 5.81 9.71 -13.35
CA ALA A 113 4.96 10.83 -12.95
C ALA A 113 5.83 11.93 -12.35
N GLY A 114 6.44 12.73 -13.24
CA GLY A 114 7.18 13.90 -12.87
C GLY A 114 8.69 13.79 -12.97
N GLY A 115 9.24 12.62 -13.28
CA GLY A 115 10.69 12.45 -13.25
C GLY A 115 11.29 12.52 -11.86
N VAL A 116 10.51 12.21 -10.84
CA VAL A 116 10.89 12.50 -9.46
C VAL A 116 11.87 11.45 -8.94
N ASN A 117 12.95 11.91 -8.31
CA ASN A 117 13.85 11.06 -7.53
C ASN A 117 13.27 10.92 -6.13
N GLN A 118 12.50 9.86 -5.92
CA GLN A 118 11.78 9.73 -4.66
C GLN A 118 12.70 9.31 -3.52
N TRP A 119 13.80 8.63 -3.82
CA TRP A 119 14.74 8.27 -2.76
C TRP A 119 15.33 9.52 -2.12
N GLU A 120 15.77 10.49 -2.95
CA GLU A 120 16.32 11.73 -2.39
C GLU A 120 15.27 12.48 -1.58
N ASN A 121 14.03 12.56 -2.07
CA ASN A 121 12.98 13.22 -1.30
C ASN A 121 12.72 12.50 0.01
N VAL A 122 12.90 11.18 0.03
CA VAL A 122 12.73 10.44 1.28
C VAL A 122 13.87 10.75 2.24
N VAL A 123 15.11 10.77 1.74
CA VAL A 123 16.23 11.13 2.60
C VAL A 123 16.05 12.53 3.14
N LYS A 124 15.66 13.47 2.28
CA LYS A 124 15.46 14.85 2.73
C LYS A 124 14.34 14.94 3.76
N THR A 125 13.21 14.25 3.52
CA THR A 125 12.08 14.30 4.44
C THR A 125 12.46 13.80 5.83
N LEU A 126 13.20 12.68 5.89
CA LEU A 126 13.57 12.08 7.16
C LEU A 126 14.70 12.83 7.85
N THR A 127 15.51 13.59 7.10
CA THR A 127 16.52 14.43 7.73
C THR A 127 15.89 15.66 8.36
N ASP A 128 14.94 16.30 7.68
CA ASP A 128 14.28 17.48 8.23
C ASP A 128 13.30 17.13 9.34
N ASP A 129 12.62 15.98 9.24
CA ASP A 129 11.64 15.57 10.25
C ASP A 129 11.78 14.08 10.50
N PRO A 130 12.67 13.69 11.42
CA PRO A 130 12.90 12.25 11.67
C PRO A 130 11.66 11.43 11.92
N ASP A 131 10.61 12.00 12.53
CA ASP A 131 9.39 11.27 12.87
C ASP A 131 8.41 11.14 11.71
N SER A 132 8.77 11.61 10.52
CA SER A 132 7.81 11.82 9.45
C SER A 132 7.06 10.53 9.10
N LYS A 133 5.77 10.68 8.84
CA LYS A 133 4.92 9.64 8.27
C LYS A 133 4.79 9.76 6.75
N ARG A 134 5.61 10.59 6.11
CA ARG A 134 5.47 10.90 4.69
C ARG A 134 6.53 10.29 3.80
N ALA A 135 7.49 9.53 4.35
CA ALA A 135 8.66 9.09 3.60
C ALA A 135 8.29 7.86 2.79
N VAL A 136 7.62 8.11 1.68
CA VAL A 136 7.02 7.06 0.85
C VAL A 136 7.61 7.11 -0.55
N ILE A 137 7.98 5.95 -1.08
CA ILE A 137 8.42 5.80 -2.46
C ILE A 137 7.29 5.10 -3.22
N GLN A 138 6.58 5.85 -4.04
CA GLN A 138 5.51 5.31 -4.88
C GLN A 138 6.09 4.51 -6.04
N ILE A 139 5.60 3.28 -6.24
CA ILE A 139 6.11 2.47 -7.33
C ILE A 139 5.11 2.43 -8.49
N PHE A 140 3.90 1.94 -8.19
CA PHE A 140 2.80 1.82 -9.14
C PHE A 140 2.49 3.17 -9.81
N ASP A 141 1.91 3.10 -11.00
CA ASP A 141 1.48 4.29 -11.74
C ASP A 141 0.07 4.11 -12.28
N PRO A 142 -0.78 5.15 -12.22
CA PRO A 142 -2.17 5.02 -12.71
C PRO A 142 -2.29 4.71 -14.19
N ARG A 143 -1.24 4.89 -15.00
CA ARG A 143 -1.33 4.67 -16.43
C ARG A 143 -1.04 3.24 -16.86
N GLU A 144 -0.55 2.39 -15.94
CA GLU A 144 -0.23 1.01 -16.28
C GLU A 144 -1.49 0.23 -16.65
N LEU A 145 -2.57 0.43 -15.92
CA LEU A 145 -3.83 -0.23 -16.17
C LEU A 145 -4.58 0.39 -17.34
N ALA A 146 -4.18 1.58 -17.78
CA ALA A 146 -4.90 2.28 -18.83
C ALA A 146 -4.54 1.80 -20.21
N VAL A 147 -3.41 1.10 -20.34
CA VAL A 147 -3.03 0.44 -21.58
C VAL A 147 -3.56 -0.99 -21.55
N ALA A 148 -4.38 -1.34 -22.55
CA ALA A 148 -4.85 -2.72 -22.65
C ALA A 148 -3.73 -3.64 -23.11
N ASP A 149 -3.76 -4.88 -22.62
CA ASP A 149 -2.79 -5.93 -22.97
C ASP A 149 -1.40 -5.63 -22.42
N ASN A 150 -1.32 -4.86 -21.32
CA ASN A 150 -0.05 -4.56 -20.66
C ASN A 150 0.49 -5.84 -20.01
N ILE A 151 1.67 -6.29 -20.45
CA ILE A 151 2.22 -7.54 -19.93
C ILE A 151 3.14 -7.33 -18.72
N ASP A 152 3.43 -6.08 -18.34
CA ASP A 152 4.39 -5.82 -17.26
C ASP A 152 3.85 -4.70 -16.35
N VAL A 153 2.88 -5.05 -15.53
CA VAL A 153 2.27 -4.11 -14.59
C VAL A 153 2.92 -4.30 -13.22
N ALA A 154 3.43 -3.21 -12.65
CA ALA A 154 4.14 -3.30 -11.39
C ALA A 154 3.28 -3.94 -10.31
N CYS A 155 3.85 -4.92 -9.61
CA CYS A 155 3.18 -5.60 -8.52
C CYS A 155 3.30 -4.84 -7.21
N THR A 156 4.28 -3.94 -7.07
CA THR A 156 4.47 -3.17 -5.84
C THR A 156 3.76 -1.81 -5.93
N LEU A 157 3.03 -1.47 -4.88
CA LEU A 157 2.36 -0.18 -4.81
C LEU A 157 3.28 0.91 -4.29
N ALA A 158 3.92 0.67 -3.14
CA ALA A 158 4.75 1.70 -2.53
C ALA A 158 5.68 1.04 -1.51
N LEU A 159 6.77 1.75 -1.20
CA LEU A 159 7.62 1.43 -0.05
C LEU A 159 7.64 2.63 0.89
N GLN A 160 7.60 2.37 2.19
CA GLN A 160 7.59 3.44 3.19
C GLN A 160 8.72 3.23 4.18
N PHE A 161 9.35 4.32 4.61
CA PHE A 161 10.40 4.27 5.63
C PHE A 161 10.02 5.17 6.79
N LEU A 162 10.32 4.70 8.00
CA LEU A 162 10.09 5.48 9.21
C LEU A 162 11.29 5.32 10.14
N ILE A 163 11.63 6.39 10.84
CA ILE A 163 12.64 6.35 11.88
C ILE A 163 11.93 6.28 13.21
N ARG A 164 12.14 5.18 13.93
CA ARG A 164 11.54 4.96 15.23
C ARG A 164 12.64 4.50 16.17
N ASP A 165 12.96 5.34 17.17
CA ASP A 165 13.96 5.03 18.19
C ASP A 165 15.33 4.74 17.58
N GLY A 166 15.74 5.57 16.63
CA GLY A 166 17.05 5.46 16.03
C GLY A 166 17.19 4.37 14.98
N LEU A 167 16.13 3.63 14.69
CA LEU A 167 16.18 2.52 13.76
C LEU A 167 15.30 2.84 12.56
N LEU A 168 15.76 2.47 11.37
CA LEU A 168 14.97 2.68 10.17
C LEU A 168 14.09 1.44 9.93
N CYS A 169 12.78 1.65 9.97
CA CYS A 169 11.79 0.61 9.67
C CYS A 169 11.32 0.76 8.23
N GLY A 170 11.00 -0.37 7.59
CA GLY A 170 10.52 -0.38 6.22
C GLY A 170 9.18 -1.08 6.10
N ILE A 171 8.39 -0.63 5.13
CA ILE A 171 7.11 -1.26 4.83
C ILE A 171 6.98 -1.38 3.32
N GLY A 172 6.78 -2.60 2.84
CA GLY A 172 6.43 -2.83 1.44
C GLY A 172 4.95 -3.13 1.30
N TYR A 173 4.28 -2.36 0.45
CA TYR A 173 2.89 -2.58 0.08
C TYR A 173 2.81 -3.07 -1.36
N MET A 174 2.13 -4.20 -1.59
CA MET A 174 2.00 -4.78 -2.92
C MET A 174 0.54 -5.14 -3.20
N ARG A 175 0.12 -4.98 -4.46
CA ARG A 175 -1.21 -5.44 -4.85
C ARG A 175 -1.27 -6.97 -4.98
N ALA A 176 -0.15 -7.60 -5.28
CA ALA A 176 -0.10 -9.03 -5.58
C ALA A 176 1.34 -9.48 -5.38
N ASN A 177 1.51 -10.75 -5.01
CA ASN A 177 2.86 -11.27 -4.79
C ASN A 177 2.82 -12.79 -4.88
N ASP A 178 3.73 -13.34 -5.68
CA ASP A 178 3.93 -14.78 -5.75
C ASP A 178 4.63 -15.23 -4.48
N ALA A 179 3.91 -15.93 -3.60
CA ALA A 179 4.46 -16.32 -2.31
C ALA A 179 5.61 -17.30 -2.41
N PHE A 180 5.70 -18.06 -3.50
CA PHE A 180 6.78 -19.05 -3.58
C PHE A 180 8.01 -18.50 -4.28
N ARG A 181 7.82 -17.76 -5.38
CA ARG A 181 8.93 -17.22 -6.16
C ARG A 181 9.22 -15.77 -5.85
N GLY A 182 8.38 -14.87 -6.37
CA GLY A 182 8.69 -13.44 -6.34
C GLY A 182 8.94 -12.89 -4.96
N ALA A 183 8.25 -13.42 -3.94
CA ALA A 183 8.43 -12.92 -2.59
C ALA A 183 9.88 -13.02 -2.15
N VAL A 184 10.60 -14.05 -2.59
CA VAL A 184 12.01 -14.22 -2.20
C VAL A 184 12.85 -13.04 -2.68
N SER A 185 12.67 -12.65 -3.96
CA SER A 185 13.40 -11.53 -4.55
C SER A 185 12.93 -10.19 -3.97
N ASP A 186 11.60 -9.99 -3.89
CA ASP A 186 11.05 -8.72 -3.46
C ASP A 186 11.48 -8.37 -2.03
N VAL A 187 11.32 -9.31 -1.09
CA VAL A 187 11.70 -8.98 0.29
C VAL A 187 13.21 -8.79 0.37
N PHE A 188 13.98 -9.56 -0.40
CA PHE A 188 15.42 -9.33 -0.42
C PHE A 188 15.72 -7.90 -0.84
N SER A 189 15.14 -7.47 -1.97
CA SER A 189 15.46 -6.15 -2.50
C SER A 189 14.91 -5.04 -1.63
N PHE A 190 13.74 -5.24 -1.04
CA PHE A 190 13.17 -4.17 -0.23
C PHE A 190 13.93 -3.98 1.07
N THR A 191 14.31 -5.09 1.74
CA THR A 191 15.11 -4.96 2.95
C THR A 191 16.55 -4.59 2.63
N PHE A 192 17.03 -4.90 1.42
CA PHE A 192 18.32 -4.39 0.96
C PHE A 192 18.29 -2.86 0.86
N LEU A 193 17.28 -2.33 0.15
CA LEU A 193 17.11 -0.88 0.07
C LEU A 193 16.91 -0.26 1.45
N GLN A 194 16.09 -0.90 2.28
CA GLN A 194 15.93 -0.44 3.66
C GLN A 194 17.28 -0.28 4.33
N GLU A 195 18.11 -1.33 4.26
CA GLU A 195 19.40 -1.31 4.95
C GLU A 195 20.32 -0.28 4.34
N PHE A 196 20.39 -0.27 3.01
CA PHE A 196 21.16 0.75 2.28
C PHE A 196 20.79 2.15 2.76
N THR A 197 19.49 2.43 2.90
CA THR A 197 19.06 3.75 3.32
C THR A 197 19.43 4.00 4.78
N ALA A 198 19.31 2.97 5.62
CA ALA A 198 19.69 3.11 7.01
C ALA A 198 21.17 3.45 7.18
N ARG A 199 22.06 2.77 6.45
CA ARG A 199 23.48 3.09 6.55
C ARG A 199 23.73 4.53 6.09
N TYR A 200 23.05 4.94 5.03
CA TYR A 200 23.22 6.29 4.50
C TYR A 200 22.81 7.34 5.53
N LEU A 201 21.77 7.06 6.31
CA LEU A 201 21.30 7.99 7.31
C LEU A 201 22.00 7.79 8.66
N GLY A 202 22.98 6.91 8.73
CA GLY A 202 23.64 6.63 10.00
C GLY A 202 22.71 6.06 11.05
N LEU A 203 21.74 5.24 10.65
CA LEU A 203 20.78 4.67 11.58
C LEU A 203 20.97 3.17 11.68
N GLY A 204 20.46 2.60 12.77
CA GLY A 204 20.27 1.16 12.87
C GLY A 204 19.09 0.68 12.04
N ILE A 205 18.94 -0.65 11.98
CA ILE A 205 17.88 -1.31 11.22
C ILE A 205 16.74 -1.69 12.15
N GLY A 206 15.52 -1.26 11.81
CA GLY A 206 14.33 -1.63 12.55
C GLY A 206 13.64 -2.84 11.95
N THR A 207 12.32 -2.86 12.06
CA THR A 207 11.54 -3.97 11.51
C THR A 207 11.26 -3.74 10.03
N TYR A 208 10.81 -4.79 9.37
CA TYR A 208 10.28 -4.69 8.01
C TYR A 208 8.89 -5.32 8.01
N HIS A 209 7.92 -4.58 7.45
CA HIS A 209 6.55 -5.05 7.26
C HIS A 209 6.28 -5.27 5.77
N HIS A 210 5.70 -6.41 5.44
CA HIS A 210 5.34 -6.78 4.09
C HIS A 210 3.82 -6.97 4.08
N VAL A 211 3.12 -6.35 3.14
CA VAL A 211 1.67 -6.49 3.11
C VAL A 211 1.18 -6.53 1.67
N VAL A 212 0.32 -7.50 1.36
CA VAL A 212 0.02 -7.86 -0.02
C VAL A 212 -1.47 -8.10 -0.18
N GLY A 213 -2.03 -7.56 -1.27
CA GLY A 213 -3.41 -7.78 -1.62
C GLY A 213 -3.71 -9.24 -1.96
N SER A 214 -3.08 -9.76 -3.00
CA SER A 214 -3.23 -11.18 -3.36
C SER A 214 -1.88 -11.87 -3.23
N VAL A 215 -1.75 -12.76 -2.25
CA VAL A 215 -0.61 -13.66 -2.16
C VAL A 215 -1.03 -15.00 -2.73
N HIS A 216 -0.18 -15.58 -3.57
CA HIS A 216 -0.64 -16.78 -4.25
C HIS A 216 0.53 -17.74 -4.46
N ILE A 217 0.17 -18.99 -4.70
CA ILE A 217 1.08 -20.03 -5.18
C ILE A 217 0.46 -20.61 -6.43
N TYR A 218 1.19 -20.56 -7.54
CA TYR A 218 0.68 -21.14 -8.76
C TYR A 218 0.68 -22.65 -8.65
N ASP A 219 -0.39 -23.27 -9.15
CA ASP A 219 -0.48 -24.74 -9.13
C ASP A 219 0.69 -25.38 -9.85
N SER A 220 1.23 -24.71 -10.88
CA SER A 220 2.41 -25.22 -11.56
C SER A 220 3.64 -25.23 -10.65
N ASP A 221 3.58 -24.58 -9.49
CA ASP A 221 4.70 -24.56 -8.54
C ASP A 221 4.46 -25.47 -7.34
N ALA A 222 3.31 -26.15 -7.28
CA ALA A 222 2.90 -26.86 -6.06
C ALA A 222 3.88 -27.95 -5.67
N ARG A 223 4.35 -28.73 -6.64
CA ARG A 223 5.30 -29.80 -6.34
C ARG A 223 6.58 -29.25 -5.71
N TRP A 224 7.14 -28.22 -6.32
CA TRP A 224 8.35 -27.62 -5.78
C TRP A 224 8.08 -26.99 -4.41
N ALA A 225 6.91 -26.37 -4.25
CA ALA A 225 6.56 -25.79 -2.95
C ALA A 225 6.46 -26.89 -1.89
N GLU A 226 5.88 -28.04 -2.27
CA GLU A 226 5.74 -29.16 -1.34
C GLU A 226 7.11 -29.65 -0.87
N ARG A 227 8.06 -29.79 -1.79
CA ARG A 227 9.38 -30.27 -1.42
C ARG A 227 10.07 -29.26 -0.50
N VAL A 228 9.87 -27.96 -0.73
CA VAL A 228 10.42 -26.97 0.18
C VAL A 228 9.80 -27.12 1.56
N LEU A 229 8.48 -27.32 1.62
CA LEU A 229 7.84 -27.50 2.92
C LEU A 229 8.28 -28.80 3.59
N ASP A 230 8.49 -29.87 2.80
CA ASP A 230 8.96 -31.14 3.37
C ASP A 230 10.37 -31.05 3.93
N ALA A 231 11.18 -30.11 3.46
CA ALA A 231 12.58 -30.06 3.86
C ALA A 231 12.76 -29.34 5.21
N ARG A 239 22.72 -21.98 11.59
CA ARG A 239 22.40 -21.24 10.36
C ARG A 239 23.27 -19.99 10.19
N PRO A 240 24.10 -19.97 9.15
CA PRO A 240 25.03 -18.84 8.98
C PRO A 240 24.29 -17.54 8.69
N GLY A 241 24.84 -16.45 9.21
CA GLY A 241 24.18 -15.17 9.11
C GLY A 241 24.49 -14.43 7.81
N PHE A 242 23.50 -13.66 7.36
CA PHE A 242 23.72 -12.76 6.24
C PHE A 242 24.56 -11.57 6.73
N PRO A 243 25.57 -11.15 5.97
CA PRO A 243 26.45 -10.08 6.46
C PRO A 243 25.81 -8.70 6.41
N ALA A 244 26.28 -7.83 7.31
CA ALA A 244 25.77 -6.47 7.41
C ALA A 244 26.48 -5.56 6.42
N MET A 245 25.71 -4.75 5.72
CA MET A 245 26.28 -3.78 4.81
C MET A 245 27.00 -2.69 5.62
N PRO A 246 28.15 -2.20 5.16
CA PRO A 246 28.93 -1.26 5.98
C PRO A 246 28.24 0.09 6.17
N ASP A 247 28.65 0.76 7.25
CA ASP A 247 28.05 2.02 7.67
C ASP A 247 28.34 3.13 6.67
N GLY A 248 27.54 4.19 6.75
CA GLY A 248 27.77 5.36 5.92
C GLY A 248 27.14 5.31 4.55
N ASP A 249 27.67 6.16 3.65
CA ASP A 249 27.17 6.31 2.29
C ASP A 249 27.79 5.24 1.41
N ASN A 250 26.97 4.30 0.95
CA ASN A 250 27.49 3.21 0.14
C ASN A 250 27.41 3.49 -1.36
N TRP A 251 26.90 4.66 -1.78
CA TRP A 251 26.81 4.97 -3.20
C TRP A 251 28.15 4.86 -3.94
N PRO A 252 29.28 5.39 -3.44
CA PRO A 252 30.54 5.22 -4.21
C PRO A 252 30.89 3.76 -4.44
N HIS A 253 30.71 2.92 -3.42
CA HIS A 253 30.97 1.50 -3.54
C HIS A 253 30.02 0.84 -4.53
N VAL A 254 28.75 1.24 -4.54
CA VAL A 254 27.81 0.70 -5.51
C VAL A 254 28.26 1.06 -6.92
N ARG A 255 28.68 2.31 -7.13
CA ARG A 255 29.18 2.71 -8.44
C ARG A 255 30.33 1.81 -8.90
N ARG A 256 31.31 1.58 -8.02
CA ARG A 256 32.41 0.69 -8.37
C ARG A 256 31.92 -0.74 -8.66
N VAL A 257 31.10 -1.28 -7.75
CA VAL A 257 30.53 -2.62 -7.95
C VAL A 257 29.82 -2.70 -9.30
N LEU A 258 29.08 -1.65 -9.67
CA LEU A 258 28.34 -1.64 -10.92
C LEU A 258 29.25 -1.60 -12.15
N GLU A 259 30.43 -0.97 -12.02
CA GLU A 259 31.40 -1.05 -13.11
C GLU A 259 31.91 -2.47 -13.29
N TRP A 260 32.23 -3.16 -12.19
CA TRP A 260 32.65 -4.55 -12.29
C TRP A 260 31.52 -5.42 -12.81
N GLU A 261 30.28 -5.19 -12.35
CA GLU A 261 29.13 -5.97 -12.81
C GLU A 261 29.10 -6.03 -14.33
N GLU A 262 29.28 -4.88 -14.98
CA GLU A 262 29.16 -4.84 -16.44
C GLU A 262 30.35 -5.51 -17.12
N ARG A 263 31.56 -5.33 -16.59
CA ARG A 263 32.73 -5.97 -17.21
C ARG A 263 32.66 -7.49 -17.09
N LEU A 264 32.31 -7.99 -15.90
CA LEU A 264 32.17 -9.43 -15.73
C LEU A 264 31.02 -9.98 -16.56
N ARG A 265 29.87 -9.29 -16.55
CA ARG A 265 28.70 -9.80 -17.27
C ARG A 265 28.98 -9.92 -18.76
N THR A 266 29.67 -8.93 -19.35
CA THR A 266 30.03 -8.98 -20.76
C THR A 266 31.28 -9.82 -21.04
N ASN A 267 31.87 -10.41 -20.00
CA ASN A 267 33.10 -11.20 -20.11
C ASN A 267 34.25 -10.35 -20.66
N ALA A 268 34.21 -9.05 -20.39
CA ALA A 268 35.31 -8.17 -20.73
C ALA A 268 36.45 -8.24 -19.74
N ALA A 269 36.26 -8.95 -18.63
CA ALA A 269 37.27 -9.00 -17.60
C ALA A 269 37.01 -10.25 -16.76
N ARG A 270 38.06 -10.70 -16.08
CA ARG A 270 37.95 -11.79 -15.14
C ARG A 270 38.75 -11.40 -13.91
N LEU A 271 38.29 -11.83 -12.74
CA LEU A 271 38.97 -11.52 -11.49
C LEU A 271 39.44 -12.80 -10.85
N SER A 272 40.76 -12.97 -10.75
CA SER A 272 41.33 -14.01 -9.91
C SER A 272 40.92 -13.78 -8.46
N ALA A 273 41.19 -14.79 -7.62
CA ALA A 273 40.95 -14.63 -6.19
C ALA A 273 41.84 -13.55 -5.60
N ASP A 274 43.07 -13.39 -6.11
CA ASP A 274 43.92 -12.33 -5.60
C ASP A 274 43.48 -10.97 -6.12
N ALA A 275 43.01 -10.91 -7.37
CA ALA A 275 42.54 -9.63 -7.89
C ALA A 275 41.29 -9.16 -7.17
N LEU A 276 40.43 -10.09 -6.74
CA LEU A 276 39.26 -9.69 -5.95
C LEU A 276 39.68 -9.09 -4.62
N ASP A 277 40.67 -9.69 -3.96
CA ASP A 277 41.09 -9.16 -2.66
C ASP A 277 41.83 -7.83 -2.79
N ALA A 278 42.38 -7.52 -3.96
CA ALA A 278 43.08 -6.27 -4.17
C ALA A 278 42.15 -5.11 -4.48
N LEU A 279 40.87 -5.39 -4.76
CA LEU A 279 39.94 -4.36 -5.19
C LEU A 279 39.80 -3.26 -4.15
N ASP A 280 39.56 -2.04 -4.63
CA ASP A 280 39.39 -0.87 -3.77
C ASP A 280 37.93 -0.79 -3.28
N LEU A 281 37.61 -1.67 -2.33
CA LEU A 281 36.23 -1.87 -1.90
C LEU A 281 36.20 -2.40 -0.48
N PRO A 282 35.22 -2.01 0.33
CA PRO A 282 35.03 -2.68 1.63
C PRO A 282 34.76 -4.16 1.42
N ALA A 283 35.10 -4.96 2.45
CA ALA A 283 35.04 -6.41 2.31
C ALA A 283 33.65 -6.88 1.86
N TYR A 284 32.60 -6.26 2.39
CA TYR A 284 31.23 -6.67 2.05
C TYR A 284 30.97 -6.56 0.56
N TRP A 285 31.44 -5.47 -0.07
CA TRP A 285 31.20 -5.30 -1.49
C TRP A 285 32.18 -6.11 -2.34
N LYS A 286 33.37 -6.42 -1.79
CA LYS A 286 34.27 -7.34 -2.47
C LYS A 286 33.64 -8.72 -2.64
N HIS A 287 32.89 -9.19 -1.64
CA HIS A 287 32.21 -10.47 -1.74
C HIS A 287 31.08 -10.43 -2.77
N VAL A 288 30.47 -9.26 -2.99
CA VAL A 288 29.42 -9.17 -4.00
C VAL A 288 30.03 -9.28 -5.40
N VAL A 289 31.12 -8.55 -5.65
CA VAL A 289 31.82 -8.66 -6.94
C VAL A 289 32.28 -10.10 -7.17
N ALA A 290 32.73 -10.77 -6.10
CA ALA A 290 33.12 -12.17 -6.20
C ALA A 290 31.96 -13.02 -6.66
N LEU A 291 30.74 -12.72 -6.19
CA LEU A 291 29.55 -13.42 -6.68
C LEU A 291 29.36 -13.22 -8.18
N PHE A 292 29.67 -12.02 -8.69
CA PHE A 292 29.52 -11.79 -10.12
C PHE A 292 30.60 -12.51 -10.92
N GLU A 293 31.82 -12.64 -10.37
CA GLU A 293 32.85 -13.41 -11.04
C GLU A 293 32.51 -14.91 -11.05
N ALA A 294 32.07 -15.44 -9.89
CA ALA A 294 31.54 -16.80 -9.86
C ALA A 294 30.46 -17.00 -10.92
N HIS A 295 29.52 -16.06 -11.00
CA HIS A 295 28.44 -16.17 -11.97
C HIS A 295 28.96 -16.07 -13.40
N ARG A 296 30.00 -15.26 -13.62
CA ARG A 296 30.66 -15.22 -14.93
C ARG A 296 31.21 -16.59 -15.31
N GLN A 297 31.78 -17.30 -14.34
CA GLN A 297 32.31 -18.63 -14.62
C GLN A 297 31.22 -19.55 -15.13
N VAL A 298 30.03 -19.52 -14.51
CA VAL A 298 28.92 -20.34 -14.98
C VAL A 298 28.51 -19.90 -16.38
N ARG A 299 28.16 -18.61 -16.52
CA ARG A 299 27.49 -18.14 -17.75
C ARG A 299 28.41 -18.23 -18.95
N HIS A 300 29.70 -17.94 -18.76
CA HIS A 300 30.65 -17.94 -19.87
C HIS A 300 31.55 -19.18 -19.86
N GLU A 301 31.22 -20.18 -19.02
CA GLU A 301 31.82 -21.51 -19.05
C GLU A 301 33.34 -21.47 -18.84
N ASP A 302 33.75 -20.68 -17.85
CA ASP A 302 35.15 -20.64 -17.50
C ASP A 302 35.39 -21.67 -16.40
N THR A 303 36.64 -21.76 -15.97
CA THR A 303 37.01 -22.72 -14.96
C THR A 303 36.45 -22.29 -13.62
N PRO A 304 35.66 -23.12 -12.94
CA PRO A 304 35.26 -22.78 -11.58
C PRO A 304 36.50 -22.61 -10.70
N ASP A 305 36.46 -21.59 -9.84
CA ASP A 305 37.56 -21.32 -8.94
C ASP A 305 37.11 -21.38 -7.49
N ALA A 307 39.00 -21.34 -4.48
CA ALA A 307 39.77 -20.24 -3.90
C ALA A 307 38.89 -19.01 -3.68
N LEU A 308 38.33 -18.47 -4.78
CA LEU A 308 37.27 -17.48 -4.69
C LEU A 308 36.21 -17.93 -3.70
N LEU A 309 35.77 -19.17 -3.86
CA LEU A 309 34.72 -19.72 -3.00
C LEU A 309 35.12 -19.67 -1.55
N ALA A 310 36.37 -20.03 -1.24
CA ALA A 310 36.79 -20.16 0.15
C ALA A 310 36.69 -18.83 0.92
N ALA A 311 36.91 -17.69 0.25
CA ALA A 311 36.91 -16.40 0.92
C ALA A 311 35.52 -15.80 1.09
N LEU A 312 34.48 -16.45 0.60
CA LEU A 312 33.14 -15.90 0.72
C LEU A 312 32.54 -16.22 2.09
N PRO A 313 31.64 -15.36 2.58
CA PRO A 313 30.84 -15.75 3.74
C PRO A 313 30.09 -17.04 3.47
N GLU A 314 29.82 -17.80 4.55
CA GLU A 314 29.24 -19.13 4.39
C GLU A 314 27.88 -19.09 3.70
N VAL A 315 27.03 -18.07 4.00
CA VAL A 315 25.73 -18.00 3.34
C VAL A 315 25.90 -18.02 1.82
N TYR A 316 26.88 -17.27 1.32
CA TYR A 316 27.04 -17.18 -0.14
C TYR A 316 27.58 -18.48 -0.70
N ARG A 317 28.55 -19.08 -0.01
CA ARG A 317 29.09 -20.36 -0.44
C ARG A 317 28.00 -21.42 -0.53
N GLN A 318 27.11 -21.47 0.46
CA GLN A 318 26.03 -22.44 0.44
C GLN A 318 25.09 -22.18 -0.74
N SER A 319 24.72 -20.92 -0.94
CA SER A 319 23.85 -20.60 -2.07
C SER A 319 24.49 -21.03 -3.38
N LEU A 320 25.79 -20.76 -3.57
CA LEU A 320 26.45 -21.13 -4.82
C LEU A 320 26.52 -22.66 -4.97
N ALA A 321 26.91 -23.34 -3.90
CA ALA A 321 26.99 -24.80 -3.90
C ALA A 321 25.66 -25.44 -4.27
N VAL A 322 24.56 -24.91 -3.72
CA VAL A 322 23.26 -25.53 -3.97
C VAL A 322 22.72 -25.15 -5.35
N LYS A 323 23.01 -23.94 -5.82
CA LYS A 323 22.44 -23.50 -7.09
C LYS A 323 23.19 -24.08 -8.29
N TRP A 324 24.53 -24.13 -8.22
CA TRP A 324 25.37 -24.67 -9.29
C TRP A 324 26.29 -25.75 -8.71
N PRO A 325 25.73 -26.90 -8.32
CA PRO A 325 26.53 -27.90 -7.61
C PRO A 325 27.68 -28.47 -8.44
N GLY A 326 27.55 -28.51 -9.77
CA GLY A 326 28.67 -28.94 -10.59
C GLY A 326 29.82 -27.96 -10.60
N HIS A 327 29.53 -26.69 -10.33
CA HIS A 327 30.57 -25.67 -10.30
C HIS A 327 31.17 -25.50 -8.91
N PHE A 328 30.34 -25.44 -7.87
CA PHE A 328 30.79 -24.97 -6.56
C PHE A 328 30.41 -25.93 -5.43
N GLY A 329 29.93 -27.12 -5.72
CA GLY A 329 29.49 -28.04 -4.67
C GLY A 329 30.62 -28.76 -3.96
N THR B 3 -3.37 -7.79 12.14
CA THR B 3 -4.68 -7.70 11.50
C THR B 3 -5.67 -8.78 12.00
N HIS B 4 -6.78 -8.34 12.58
CA HIS B 4 -7.83 -9.23 13.08
C HIS B 4 -9.15 -8.98 12.36
N THR B 5 -10.03 -9.97 12.46
CA THR B 5 -11.30 -10.00 11.76
C THR B 5 -12.41 -9.49 12.65
N PHE B 6 -13.25 -8.60 12.11
CA PHE B 6 -14.40 -8.10 12.83
C PHE B 6 -15.62 -8.14 11.90
N GLY B 7 -16.79 -8.03 12.51
CA GLY B 7 -18.02 -7.93 11.75
C GLY B 7 -18.23 -6.53 11.21
N THR B 8 -18.48 -5.58 12.09
CA THR B 8 -18.81 -4.21 11.75
C THR B 8 -17.60 -3.31 11.99
N PHE B 9 -17.60 -2.14 11.34
CA PHE B 9 -16.51 -1.20 11.57
C PHE B 9 -16.43 -0.79 13.05
N GLN B 10 -17.58 -0.63 13.73
CA GLN B 10 -17.51 -0.14 15.10
C GLN B 10 -16.70 -1.08 15.98
N ASP B 11 -16.89 -2.40 15.85
CA ASP B 11 -16.06 -3.32 16.63
C ASP B 11 -14.58 -3.17 16.32
N ALA B 12 -14.22 -3.14 15.02
CA ALA B 12 -12.81 -2.91 14.67
C ALA B 12 -12.31 -1.57 15.21
N TYR B 13 -13.13 -0.53 15.07
CA TYR B 13 -12.71 0.81 15.46
C TYR B 13 -12.39 0.87 16.95
N LEU B 14 -13.28 0.32 17.78
CA LEU B 14 -13.10 0.36 19.23
C LEU B 14 -11.93 -0.50 19.66
N SER B 15 -11.78 -1.67 19.05
CA SER B 15 -10.65 -2.53 19.40
C SER B 15 -9.33 -1.86 19.06
N GLN B 16 -9.22 -1.30 17.86
CA GLN B 16 -7.98 -0.62 17.48
C GLN B 16 -7.74 0.60 18.35
N LEU B 17 -8.78 1.39 18.61
CA LEU B 17 -8.63 2.54 19.49
C LEU B 17 -8.04 2.12 20.84
N ARG B 18 -8.60 1.06 21.44
CA ARG B 18 -8.07 0.58 22.70
C ARG B 18 -6.61 0.16 22.57
N ASP B 19 -6.26 -0.54 21.47
CA ASP B 19 -4.87 -0.96 21.24
C ASP B 19 -3.89 0.21 21.27
N ILE B 20 -4.17 1.23 20.48
CA ILE B 20 -3.23 2.34 20.38
C ILE B 20 -3.23 3.18 21.63
N TYR B 21 -4.38 3.30 22.29
CA TYR B 21 -4.46 4.20 23.43
C TYR B 21 -3.76 3.60 24.64
N HIS B 22 -4.07 2.34 24.94
CA HIS B 22 -3.53 1.68 26.12
C HIS B 22 -2.20 1.00 25.88
N SER B 23 -1.97 0.47 24.67
CA SER B 23 -0.73 -0.22 24.36
C SER B 23 -0.03 0.37 23.14
N PRO B 24 0.28 1.67 23.16
CA PRO B 24 1.00 2.25 22.02
C PRO B 24 2.36 1.59 21.83
N GLU B 25 2.81 1.57 20.61
CA GLU B 25 4.13 1.04 20.31
C GLU B 25 5.21 2.12 20.42
N PHE B 26 4.85 3.39 20.22
CA PHE B 26 5.78 4.51 20.17
C PHE B 26 5.06 5.77 20.63
N ARG B 27 5.83 6.74 21.12
CA ARG B 27 5.39 8.12 21.31
C ARG B 27 6.37 9.02 20.58
N ASN B 28 5.86 9.89 19.71
CA ASN B 28 6.71 10.76 18.90
C ASN B 28 5.89 11.97 18.47
N ALA B 29 6.45 12.80 17.59
CA ALA B 29 5.83 14.07 17.20
C ALA B 29 6.18 14.42 15.76
N PRO B 30 5.56 13.73 14.80
CA PRO B 30 5.81 14.08 13.38
C PRO B 30 5.22 15.45 13.06
N ARG B 31 5.99 16.27 12.36
CA ARG B 31 5.64 17.67 12.11
C ARG B 31 5.21 18.36 13.41
N GLY B 32 5.90 18.02 14.50
CA GLY B 32 5.69 18.61 15.80
C GLY B 32 4.40 18.25 16.51
N GLN B 33 3.68 17.20 16.08
CA GLN B 33 2.39 16.84 16.66
C GLN B 33 2.55 15.56 17.48
N ALA B 34 2.59 15.72 18.81
CA ALA B 34 2.77 14.59 19.71
C ALA B 34 1.63 13.57 19.59
N SER B 35 2.00 12.28 19.59
CA SER B 35 1.09 11.18 19.26
C SER B 35 1.48 9.89 19.97
N ARG B 36 0.50 9.02 20.20
CA ARG B 36 0.69 7.59 20.44
C ARG B 36 0.55 6.85 19.09
N GLU B 37 1.28 5.74 18.94
CA GLU B 37 1.43 5.17 17.60
C GLU B 37 1.71 3.67 17.64
N ARG B 38 1.16 2.95 16.64
CA ARG B 38 1.62 1.62 16.25
C ARG B 38 1.93 1.58 14.76
N ILE B 39 2.86 0.71 14.39
CA ILE B 39 3.32 0.58 13.01
C ILE B 39 2.78 -0.72 12.42
N GLY B 40 2.20 -0.65 11.23
CA GLY B 40 1.79 -1.83 10.50
C GLY B 40 0.55 -2.46 11.09
N ALA B 41 -0.57 -1.74 11.09
CA ALA B 41 -1.77 -2.19 11.78
C ALA B 41 -2.96 -2.11 10.84
N GLY B 42 -3.86 -3.07 10.97
CA GLY B 42 -5.01 -3.10 10.11
C GLY B 42 -6.10 -3.96 10.70
N PHE B 43 -7.13 -4.20 9.90
CA PHE B 43 -8.24 -5.05 10.33
C PHE B 43 -9.04 -5.41 9.08
N ARG B 44 -9.89 -6.42 9.23
CA ARG B 44 -10.80 -6.86 8.19
C ARG B 44 -12.23 -6.73 8.71
N LEU B 45 -13.13 -6.28 7.83
CA LEU B 45 -14.55 -6.19 8.15
C LEU B 45 -15.28 -7.22 7.31
N LEU B 46 -16.01 -8.14 7.98
CA LEU B 46 -16.87 -9.08 7.26
C LEU B 46 -18.16 -8.46 6.79
N ASP B 47 -18.53 -7.29 7.33
CA ASP B 47 -19.81 -6.64 7.05
C ASP B 47 -19.60 -5.16 6.77
N PRO B 48 -18.94 -4.82 5.65
CA PRO B 48 -18.51 -3.42 5.43
C PRO B 48 -19.64 -2.43 5.28
N VAL B 49 -20.86 -2.85 4.93
CA VAL B 49 -21.96 -1.89 4.85
C VAL B 49 -22.25 -1.30 6.22
N GLN B 50 -21.98 -2.05 7.28
CA GLN B 50 -22.18 -1.55 8.64
C GLN B 50 -20.96 -0.72 9.04
N ARG B 51 -20.90 0.49 8.47
CA ARG B 51 -19.69 1.30 8.41
C ARG B 51 -19.69 2.48 9.37
N HIS B 52 -20.69 2.59 10.24
CA HIS B 52 -20.91 3.77 11.07
C HIS B 52 -20.50 3.52 12.51
N ILE B 53 -20.17 4.60 13.21
CA ILE B 53 -19.89 4.60 14.64
C ILE B 53 -21.10 5.21 15.34
N SER B 54 -21.67 4.48 16.28
CA SER B 54 -22.87 4.97 16.93
C SER B 54 -22.66 5.26 18.41
N VAL B 55 -21.46 5.04 18.93
CA VAL B 55 -21.12 5.46 20.30
C VAL B 55 -21.45 6.93 20.46
N PRO B 56 -22.44 7.29 21.29
CA PRO B 56 -22.83 8.71 21.38
C PRO B 56 -21.69 9.64 21.75
N ALA B 57 -20.74 9.20 22.60
CA ALA B 57 -19.65 10.10 22.98
C ALA B 57 -18.72 10.42 21.82
N ARG B 58 -18.73 9.62 20.74
CA ARG B 58 -17.91 9.92 19.57
C ARG B 58 -18.49 11.04 18.72
N ARG B 59 -19.81 11.26 18.81
CA ARG B 59 -20.49 12.31 18.05
C ARG B 59 -20.19 12.20 16.54
N ALA B 60 -20.22 10.97 16.03
CA ALA B 60 -20.00 10.75 14.60
C ALA B 60 -21.03 11.51 13.78
N ASN B 61 -20.59 12.09 12.67
CA ASN B 61 -21.40 12.99 11.87
C ASN B 61 -21.70 12.31 10.53
N VAL B 62 -22.86 11.66 10.46
CA VAL B 62 -23.23 10.93 9.23
C VAL B 62 -23.45 11.88 8.05
N VAL B 63 -23.75 13.16 8.29
CA VAL B 63 -23.89 14.09 7.19
C VAL B 63 -22.53 14.35 6.54
N PHE B 64 -21.51 14.64 7.35
CA PHE B 64 -20.15 14.73 6.82
C PHE B 64 -19.73 13.44 6.12
N ASN B 65 -20.04 12.27 6.70
CA ASN B 65 -19.60 11.02 6.09
C ASN B 65 -20.12 10.91 4.67
N PHE B 66 -21.41 11.17 4.46
CA PHE B 66 -21.96 11.11 3.11
C PHE B 66 -21.43 12.23 2.24
N ALA B 67 -21.25 13.43 2.81
CA ALA B 67 -20.76 14.55 2.02
C ALA B 67 -19.36 14.27 1.49
N GLU B 68 -18.48 13.73 2.34
CA GLU B 68 -17.12 13.40 1.89
C GLU B 68 -17.15 12.39 0.77
N ALA B 69 -17.91 11.30 0.94
CA ALA B 69 -17.96 10.25 -0.08
C ALA B 69 -18.54 10.78 -1.40
N LEU B 70 -19.60 11.59 -1.32
CA LEU B 70 -20.15 12.20 -2.53
C LEU B 70 -19.22 13.24 -3.14
N TRP B 71 -18.50 13.99 -2.29
CA TRP B 71 -17.47 14.89 -2.77
C TRP B 71 -16.44 14.14 -3.60
N TYR B 72 -16.00 12.96 -3.14
CA TYR B 72 -15.13 12.10 -3.94
C TYR B 72 -15.77 11.70 -5.27
N LEU B 73 -17.01 11.21 -5.23
CA LEU B 73 -17.67 10.77 -6.46
C LEU B 73 -17.84 11.92 -7.45
N SER B 74 -17.97 13.15 -6.94
CA SER B 74 -18.05 14.29 -7.84
C SER B 74 -16.73 14.61 -8.54
N GLY B 75 -15.61 14.06 -8.08
CA GLY B 75 -14.33 14.37 -8.72
C GLY B 75 -13.80 15.74 -8.38
N SER B 76 -14.36 16.40 -7.38
CA SER B 76 -14.04 17.78 -7.07
C SER B 76 -12.82 17.89 -6.17
N ASP B 77 -12.06 18.96 -6.34
CA ASP B 77 -11.07 19.35 -5.37
C ASP B 77 -11.45 20.64 -4.64
N ARG B 78 -12.72 21.01 -4.68
CA ARG B 78 -13.12 22.34 -4.21
C ARG B 78 -13.29 22.34 -2.69
N LEU B 79 -12.69 23.36 -2.05
CA LEU B 79 -12.76 23.51 -0.60
C LEU B 79 -14.16 23.90 -0.14
N ASP B 80 -14.85 24.76 -0.91
CA ASP B 80 -16.11 25.33 -0.40
C ASP B 80 -17.16 24.24 -0.17
N PHE B 81 -17.19 23.22 -1.02
CA PHE B 81 -18.08 22.09 -0.82
C PHE B 81 -17.81 21.45 0.54
N ILE B 82 -16.57 21.01 0.76
CA ILE B 82 -16.32 20.11 1.87
C ILE B 82 -16.16 20.85 3.19
N GLN B 83 -15.66 22.09 3.19
CA GLN B 83 -15.50 22.79 4.46
C GLN B 83 -16.83 23.20 5.06
N TYR B 84 -17.88 23.26 4.24
CA TYR B 84 -19.21 23.52 4.77
C TYR B 84 -19.62 22.45 5.76
N TYR B 85 -19.18 21.20 5.54
CA TYR B 85 -19.45 20.09 6.45
C TYR B 85 -18.36 19.91 7.50
N ALA B 86 -17.12 20.31 7.20
CA ALA B 86 -16.00 20.17 8.13
C ALA B 86 -15.17 21.45 8.06
N PRO B 87 -15.51 22.46 8.86
CA PRO B 87 -14.81 23.75 8.74
C PRO B 87 -13.33 23.66 9.04
N GLY B 88 -12.90 22.71 9.88
CA GLY B 88 -11.48 22.53 10.15
C GLY B 88 -10.66 22.13 8.92
N ILE B 89 -11.31 21.59 7.89
CA ILE B 89 -10.57 21.14 6.71
C ILE B 89 -9.92 22.30 5.98
N ALA B 90 -10.34 23.55 6.28
CA ALA B 90 -9.72 24.73 5.69
C ALA B 90 -8.23 24.82 6.02
N ALA B 91 -7.81 24.24 7.14
CA ALA B 91 -6.40 24.30 7.51
C ALA B 91 -5.50 23.55 6.54
N TYR B 92 -6.04 22.73 5.65
CA TYR B 92 -5.22 21.97 4.71
C TYR B 92 -5.23 22.55 3.31
N SER B 93 -5.89 23.70 3.12
CA SER B 93 -5.97 24.35 1.81
C SER B 93 -4.93 25.46 1.75
N ALA B 94 -3.95 25.31 0.86
CA ALA B 94 -2.91 26.34 0.70
C ALA B 94 -3.42 27.58 0.00
N ASP B 95 -4.41 27.45 -0.90
CA ASP B 95 -4.90 28.59 -1.68
C ASP B 95 -6.28 29.09 -1.25
N GLY B 96 -6.86 28.51 -0.20
CA GLY B 96 -8.19 28.91 0.22
C GLY B 96 -9.30 28.57 -0.75
N ARG B 97 -9.03 27.76 -1.80
CA ARG B 97 -10.06 27.41 -2.77
C ARG B 97 -10.11 25.92 -3.07
N THR B 98 -8.96 25.25 -3.03
CA THR B 98 -8.87 23.83 -3.36
C THR B 98 -8.10 23.07 -2.28
N LEU B 99 -8.22 21.75 -2.33
CA LEU B 99 -7.44 20.83 -1.54
C LEU B 99 -6.62 19.95 -2.47
N ARG B 100 -5.51 19.41 -1.96
CA ARG B 100 -4.62 18.59 -2.78
C ARG B 100 -4.74 17.15 -2.34
N GLY B 101 -3.91 16.66 -1.42
CA GLY B 101 -3.98 15.29 -0.99
C GLY B 101 -5.28 14.92 -0.30
N THR B 102 -6.02 15.89 0.22
CA THR B 102 -7.29 15.58 0.84
C THR B 102 -8.37 15.28 -0.19
N ALA B 103 -8.20 15.73 -1.44
CA ALA B 103 -9.23 15.61 -2.47
C ALA B 103 -8.99 14.31 -3.21
N TYR B 104 -9.62 13.22 -2.72
CA TYR B 104 -9.46 11.93 -3.38
C TYR B 104 -10.23 11.85 -4.69
N GLY B 105 -11.27 12.68 -4.87
CA GLY B 105 -12.06 12.67 -6.08
C GLY B 105 -11.25 12.76 -7.38
N PRO B 106 -10.44 13.81 -7.51
CA PRO B 106 -9.56 13.88 -8.68
C PRO B 106 -8.58 12.73 -8.77
N ARG B 107 -8.08 12.22 -7.63
CA ARG B 107 -7.15 11.09 -7.68
C ARG B 107 -7.82 9.85 -8.26
N ILE B 108 -9.12 9.67 -7.97
CA ILE B 108 -9.85 8.50 -8.47
C ILE B 108 -10.16 8.65 -9.96
N PHE B 109 -10.66 9.83 -10.36
CA PHE B 109 -11.35 10.00 -11.63
C PHE B 109 -10.55 10.79 -12.67
N ARG B 110 -9.45 11.40 -12.28
CA ARG B 110 -8.65 12.20 -13.20
C ARG B 110 -7.25 12.33 -12.60
N HIS B 111 -6.58 11.21 -12.35
CA HIS B 111 -5.38 11.23 -11.52
C HIS B 111 -4.33 12.14 -12.13
N PRO B 112 -3.62 12.92 -11.31
CA PRO B 112 -2.59 13.83 -11.86
C PRO B 112 -1.51 13.14 -12.68
N ALA B 113 -1.30 11.83 -12.50
CA ALA B 113 -0.39 11.09 -13.37
C ALA B 113 -1.18 10.65 -14.61
N GLY B 114 -1.26 11.56 -15.58
CA GLY B 114 -1.84 11.27 -16.87
C GLY B 114 -3.29 11.67 -17.07
N GLY B 115 -3.98 12.15 -16.03
CA GLY B 115 -5.40 12.46 -16.17
C GLY B 115 -6.32 11.25 -16.22
N VAL B 116 -5.89 10.13 -15.65
CA VAL B 116 -6.53 8.83 -15.87
C VAL B 116 -7.77 8.67 -14.99
N ASN B 117 -8.87 8.22 -15.58
CA ASN B 117 -10.05 7.82 -14.79
C ASN B 117 -9.84 6.37 -14.33
N GLN B 118 -9.38 6.21 -13.09
CA GLN B 118 -9.03 4.88 -12.60
C GLN B 118 -10.24 4.04 -12.23
N TRP B 119 -11.34 4.68 -11.80
CA TRP B 119 -12.53 3.92 -11.47
C TRP B 119 -13.09 3.22 -12.71
N GLU B 120 -13.14 3.92 -13.84
CA GLU B 120 -13.54 3.29 -15.10
C GLU B 120 -12.58 2.17 -15.49
N ASN B 121 -11.28 2.41 -15.35
CA ASN B 121 -10.31 1.36 -15.68
C ASN B 121 -10.51 0.12 -14.80
N VAL B 122 -10.90 0.34 -13.54
CA VAL B 122 -11.11 -0.79 -12.62
C VAL B 122 -12.34 -1.59 -13.02
N VAL B 123 -13.45 -0.92 -13.34
CA VAL B 123 -14.64 -1.67 -13.71
C VAL B 123 -14.43 -2.39 -15.04
N LYS B 124 -13.73 -1.77 -15.98
CA LYS B 124 -13.37 -2.47 -17.21
C LYS B 124 -12.48 -3.68 -16.91
N THR B 125 -11.47 -3.49 -16.06
CA THR B 125 -10.54 -4.58 -15.77
C THR B 125 -11.26 -5.77 -15.14
N LEU B 126 -12.17 -5.52 -14.18
CA LEU B 126 -12.89 -6.61 -13.52
C LEU B 126 -14.00 -7.20 -14.39
N THR B 127 -14.52 -6.44 -15.35
CA THR B 127 -15.49 -7.00 -16.29
C THR B 127 -14.83 -7.99 -17.24
N ASP B 128 -13.64 -7.63 -17.76
CA ASP B 128 -12.92 -8.49 -18.66
C ASP B 128 -12.24 -9.66 -17.97
N ASP B 129 -11.82 -9.48 -16.72
CA ASP B 129 -11.13 -10.54 -15.97
C ASP B 129 -11.54 -10.44 -14.51
N PRO B 130 -12.64 -11.06 -14.12
CA PRO B 130 -13.11 -10.92 -12.74
C PRO B 130 -12.11 -11.38 -11.69
N ASP B 131 -11.18 -12.28 -12.02
CA ASP B 131 -10.18 -12.69 -11.04
C ASP B 131 -9.00 -11.70 -10.93
N SER B 132 -9.05 -10.58 -11.64
CA SER B 132 -7.89 -9.71 -11.78
C SER B 132 -7.30 -9.28 -10.44
N LYS B 133 -5.96 -9.31 -10.37
CA LYS B 133 -5.18 -8.79 -9.28
C LYS B 133 -4.69 -7.37 -9.55
N ARG B 134 -5.19 -6.73 -10.61
CA ARG B 134 -4.70 -5.44 -11.10
C ARG B 134 -5.68 -4.30 -10.86
N ALA B 135 -6.85 -4.56 -10.29
CA ALA B 135 -7.89 -3.53 -10.18
C ALA B 135 -7.54 -2.59 -9.03
N VAL B 136 -6.57 -1.72 -9.29
CA VAL B 136 -6.00 -0.83 -8.29
C VAL B 136 -6.34 0.61 -8.67
N ILE B 137 -6.84 1.37 -7.68
CA ILE B 137 -7.00 2.83 -7.79
C ILE B 137 -5.88 3.46 -6.98
N GLN B 138 -4.90 4.04 -7.66
CA GLN B 138 -3.82 4.74 -6.97
C GLN B 138 -4.25 6.14 -6.54
N ILE B 139 -3.93 6.51 -5.30
CA ILE B 139 -4.25 7.82 -4.76
C ILE B 139 -2.98 8.67 -4.71
N PHE B 140 -2.00 8.20 -3.95
CA PHE B 140 -0.75 8.93 -3.73
C PHE B 140 -0.08 9.27 -5.06
N ASP B 141 0.68 10.38 -5.05
CA ASP B 141 1.42 10.79 -6.24
C ASP B 141 2.87 11.13 -5.90
N PRO B 142 3.82 10.76 -6.75
CA PRO B 142 5.24 10.99 -6.43
C PRO B 142 5.63 12.47 -6.34
N ARG B 143 4.85 13.40 -6.87
CA ARG B 143 5.23 14.81 -6.83
C ARG B 143 4.82 15.51 -5.54
N GLU B 144 4.04 14.84 -4.69
CA GLU B 144 3.53 15.50 -3.49
C GLU B 144 4.66 15.88 -2.53
N LEU B 145 5.69 15.04 -2.43
CA LEU B 145 6.86 15.32 -1.59
C LEU B 145 7.81 16.32 -2.23
N ALA B 146 7.65 16.59 -3.52
CA ALA B 146 8.45 17.60 -4.18
C ALA B 146 7.88 19.00 -4.00
N VAL B 147 6.66 19.13 -3.49
CA VAL B 147 6.10 20.45 -3.16
C VAL B 147 6.71 20.90 -1.84
N ALA B 148 7.45 22.01 -1.87
CA ALA B 148 8.04 22.55 -0.65
C ALA B 148 6.97 22.96 0.34
N ASP B 149 7.13 22.53 1.60
CA ASP B 149 6.21 22.86 2.70
C ASP B 149 4.77 22.45 2.39
N ASN B 150 4.59 21.29 1.78
CA ASN B 150 3.26 20.77 1.45
C ASN B 150 2.45 20.54 2.73
N ILE B 151 1.34 21.28 2.90
CA ILE B 151 0.48 21.07 4.07
C ILE B 151 -0.60 20.00 3.83
N ASP B 152 -0.66 19.38 2.64
CA ASP B 152 -1.77 18.46 2.36
C ASP B 152 -1.28 17.31 1.47
N VAL B 153 -0.55 16.38 2.08
CA VAL B 153 -0.04 15.20 1.38
C VAL B 153 -0.99 14.04 1.62
N ALA B 154 -1.44 13.40 0.53
CA ALA B 154 -2.38 12.28 0.61
C ALA B 154 -1.92 11.21 1.61
N CYS B 155 -2.83 10.83 2.49
CA CYS B 155 -2.58 9.76 3.45
C CYS B 155 -2.88 8.37 2.88
N THR B 156 -3.71 8.27 1.85
CA THR B 156 -4.00 6.97 1.22
C THR B 156 -3.04 6.72 0.07
N LEU B 157 -2.53 5.49 -0.01
CA LEU B 157 -1.68 5.08 -1.11
C LEU B 157 -2.47 4.55 -2.30
N ALA B 158 -3.48 3.71 -2.04
CA ALA B 158 -4.18 3.00 -3.09
C ALA B 158 -5.40 2.27 -2.50
N LEU B 159 -6.42 2.09 -3.33
CA LEU B 159 -7.50 1.16 -3.06
C LEU B 159 -7.43 0.04 -4.08
N GLN B 160 -7.76 -1.17 -3.65
CA GLN B 160 -7.79 -2.33 -4.53
C GLN B 160 -9.13 -3.02 -4.39
N PHE B 161 -9.67 -3.47 -5.53
CA PHE B 161 -10.90 -4.25 -5.54
C PHE B 161 -10.62 -5.60 -6.17
N LEU B 162 -11.26 -6.63 -5.61
CA LEU B 162 -11.13 -7.99 -6.09
C LEU B 162 -12.50 -8.63 -6.08
N ILE B 163 -12.84 -9.34 -7.15
CA ILE B 163 -14.06 -10.13 -7.17
C ILE B 163 -13.68 -11.55 -6.75
N ARG B 164 -14.27 -12.01 -5.65
CA ARG B 164 -14.00 -13.34 -5.13
C ARG B 164 -15.32 -13.98 -4.77
N ASP B 165 -15.68 -15.05 -5.48
CA ASP B 165 -16.89 -15.83 -5.20
C ASP B 165 -18.13 -14.96 -5.30
N GLY B 166 -18.20 -14.18 -6.38
CA GLY B 166 -19.32 -13.29 -6.64
C GLY B 166 -19.45 -12.09 -5.73
N LEU B 167 -18.44 -11.80 -4.90
CA LEU B 167 -18.50 -10.68 -3.97
C LEU B 167 -17.36 -9.70 -4.27
N LEU B 168 -17.62 -8.41 -4.11
CA LEU B 168 -16.59 -7.39 -4.31
C LEU B 168 -15.88 -7.13 -2.99
N CYS B 169 -14.62 -7.51 -2.92
CA CYS B 169 -13.76 -7.22 -1.78
C CYS B 169 -12.99 -5.93 -2.06
N GLY B 170 -12.65 -5.23 -0.98
CA GLY B 170 -11.89 -4.00 -1.09
C GLY B 170 -10.76 -4.01 -0.08
N ILE B 171 -9.66 -3.37 -0.47
CA ILE B 171 -8.49 -3.17 0.37
C ILE B 171 -8.08 -1.70 0.30
N GLY B 172 -7.98 -1.06 1.46
CA GLY B 172 -7.47 0.30 1.50
C GLY B 172 -6.08 0.32 2.08
N TYR B 173 -5.12 0.85 1.33
CA TYR B 173 -3.74 0.93 1.79
C TYR B 173 -3.40 2.38 2.10
N MET B 174 -2.95 2.65 3.32
CA MET B 174 -2.64 4.01 3.77
C MET B 174 -1.24 4.05 4.40
N ARG B 175 -0.50 5.13 4.12
CA ARG B 175 0.77 5.34 4.82
C ARG B 175 0.57 5.71 6.28
N ALA B 176 -0.60 6.24 6.64
CA ALA B 176 -0.84 6.77 7.97
C ALA B 176 -2.34 6.98 8.12
N ASN B 177 -2.83 6.79 9.35
CA ASN B 177 -4.25 7.00 9.59
C ASN B 177 -4.42 7.39 11.06
N ASP B 178 -5.14 8.48 11.29
CA ASP B 178 -5.55 8.86 12.64
C ASP B 178 -6.61 7.87 13.11
N ALA B 179 -6.26 7.02 14.08
CA ALA B 179 -7.15 5.99 14.56
C ALA B 179 -8.38 6.54 15.25
N PHE B 180 -8.35 7.79 15.70
CA PHE B 180 -9.54 8.26 16.41
C PHE B 180 -10.50 9.01 15.49
N ARG B 181 -9.97 9.92 14.66
CA ARG B 181 -10.77 10.76 13.78
C ARG B 181 -10.85 10.26 12.34
N GLY B 182 -9.71 10.33 11.64
CA GLY B 182 -9.72 10.08 10.21
C GLY B 182 -10.20 8.69 9.85
N ALA B 183 -9.80 7.68 10.62
CA ALA B 183 -10.25 6.32 10.37
C ALA B 183 -11.78 6.23 10.23
N VAL B 184 -12.52 7.06 10.98
CA VAL B 184 -13.98 7.00 10.92
C VAL B 184 -14.48 7.39 9.53
N SER B 185 -13.97 8.48 8.99
CA SER B 185 -14.47 8.93 7.69
C SER B 185 -13.83 8.16 6.54
N ASP B 186 -12.56 7.75 6.68
CA ASP B 186 -11.91 7.02 5.59
C ASP B 186 -12.57 5.66 5.39
N VAL B 187 -12.79 4.91 6.47
CA VAL B 187 -13.42 3.61 6.32
C VAL B 187 -14.83 3.76 5.77
N PHE B 188 -15.57 4.78 6.25
CA PHE B 188 -16.89 5.06 5.68
C PHE B 188 -16.78 5.24 4.17
N SER B 189 -15.88 6.13 3.74
CA SER B 189 -15.81 6.47 2.32
C SER B 189 -15.30 5.30 1.49
N PHE B 190 -14.34 4.53 1.99
CA PHE B 190 -13.82 3.43 1.18
C PHE B 190 -14.85 2.29 1.09
N THR B 191 -15.54 1.98 2.19
CA THR B 191 -16.59 0.97 2.09
C THR B 191 -17.80 1.50 1.32
N PHE B 192 -18.04 2.81 1.37
CA PHE B 192 -19.08 3.39 0.52
C PHE B 192 -18.71 3.21 -0.95
N LEU B 193 -17.47 3.53 -1.30
CA LEU B 193 -17.06 3.34 -2.69
C LEU B 193 -17.07 1.87 -3.05
N GLN B 194 -16.68 1.01 -2.11
CA GLN B 194 -16.73 -0.43 -2.36
C GLN B 194 -18.14 -0.89 -2.66
N GLU B 195 -19.11 -0.48 -1.84
CA GLU B 195 -20.49 -0.90 -2.08
C GLU B 195 -21.03 -0.29 -3.37
N PHE B 196 -20.80 1.01 -3.57
CA PHE B 196 -21.19 1.66 -4.82
C PHE B 196 -20.67 0.89 -6.04
N THR B 197 -19.41 0.45 -5.99
CA THR B 197 -18.84 -0.26 -7.13
C THR B 197 -19.44 -1.66 -7.26
N ALA B 198 -19.69 -2.32 -6.13
CA ALA B 198 -20.34 -3.63 -6.15
C ALA B 198 -21.73 -3.55 -6.78
N ARG B 199 -22.54 -2.57 -6.36
CA ARG B 199 -23.88 -2.41 -6.95
C ARG B 199 -23.79 -2.18 -8.45
N TYR B 200 -22.84 -1.36 -8.87
CA TYR B 200 -22.65 -1.09 -10.30
C TYR B 200 -22.33 -2.36 -11.06
N LEU B 201 -21.51 -3.24 -10.48
CA LEU B 201 -21.14 -4.48 -11.14
C LEU B 201 -22.16 -5.60 -10.94
N GLY B 202 -23.24 -5.35 -10.21
CA GLY B 202 -24.20 -6.39 -9.90
C GLY B 202 -23.72 -7.46 -8.93
N LEU B 203 -22.77 -7.13 -8.05
CA LEU B 203 -22.20 -8.09 -7.11
C LEU B 203 -22.65 -7.79 -5.68
N GLY B 204 -22.60 -8.82 -4.85
CA GLY B 204 -22.70 -8.65 -3.42
C GLY B 204 -21.43 -8.05 -2.84
N ILE B 205 -21.47 -7.78 -1.54
CA ILE B 205 -20.38 -7.11 -0.81
C ILE B 205 -19.51 -8.16 -0.14
N GLY B 206 -18.21 -8.14 -0.40
CA GLY B 206 -17.27 -9.00 0.29
C GLY B 206 -16.61 -8.34 1.49
N THR B 207 -15.41 -8.77 1.81
CA THR B 207 -14.70 -8.24 2.96
C THR B 207 -14.00 -6.93 2.59
N TYR B 208 -13.91 -6.02 3.56
CA TYR B 208 -13.07 -4.84 3.42
C TYR B 208 -11.85 -5.00 4.32
N HIS B 209 -10.65 -4.79 3.75
CA HIS B 209 -9.38 -4.85 4.48
C HIS B 209 -8.78 -3.45 4.60
N HIS B 210 -8.43 -3.06 5.81
CA HIS B 210 -7.78 -1.79 6.09
C HIS B 210 -6.34 -2.07 6.48
N VAL B 211 -5.39 -1.43 5.79
CA VAL B 211 -3.96 -1.69 6.00
C VAL B 211 -3.24 -0.35 6.09
N VAL B 212 -2.56 -0.10 7.22
CA VAL B 212 -1.99 1.22 7.51
C VAL B 212 -0.57 1.12 8.04
N GLY B 213 0.31 2.03 7.58
CA GLY B 213 1.66 2.20 8.09
C GLY B 213 1.72 2.75 9.51
N SER B 214 1.39 4.03 9.70
CA SER B 214 1.37 4.64 11.02
C SER B 214 -0.09 4.86 11.45
N VAL B 215 -0.53 4.11 12.44
CA VAL B 215 -1.84 4.31 13.05
C VAL B 215 -1.61 5.04 14.37
N HIS B 216 -2.27 6.18 14.56
CA HIS B 216 -1.91 7.04 15.68
C HIS B 216 -3.13 7.74 16.26
N ILE B 217 -2.99 8.14 17.52
CA ILE B 217 -3.90 9.06 18.21
C ILE B 217 -3.09 10.28 18.62
N TYR B 218 -3.52 11.46 18.17
CA TYR B 218 -2.87 12.69 18.61
C TYR B 218 -3.17 12.93 20.09
N ASP B 219 -2.14 13.38 20.84
CA ASP B 219 -2.32 13.61 22.27
C ASP B 219 -3.41 14.64 22.54
N SER B 220 -3.55 15.63 21.66
CA SER B 220 -4.64 16.59 21.82
C SER B 220 -6.02 15.95 21.69
N ASP B 221 -6.13 14.72 21.17
CA ASP B 221 -7.40 13.99 21.16
C ASP B 221 -7.51 12.94 22.26
N ALA B 222 -6.49 12.79 23.10
CA ALA B 222 -6.44 11.65 24.04
C ALA B 222 -7.60 11.65 25.02
N ARG B 223 -8.00 12.81 25.55
CA ARG B 223 -9.10 12.85 26.52
C ARG B 223 -10.43 12.46 25.88
N TRP B 224 -10.69 12.92 24.65
CA TRP B 224 -11.92 12.54 23.98
C TRP B 224 -11.92 11.05 23.63
N ALA B 225 -10.77 10.51 23.22
CA ALA B 225 -10.69 9.08 22.95
C ALA B 225 -10.94 8.27 24.22
N GLU B 226 -10.46 8.75 25.37
CA GLU B 226 -10.77 8.11 26.65
C GLU B 226 -12.27 8.03 26.88
N ARG B 227 -12.98 9.15 26.69
CA ARG B 227 -14.42 9.16 26.87
C ARG B 227 -15.12 8.15 25.98
N VAL B 228 -14.70 8.05 24.72
CA VAL B 228 -15.30 7.08 23.81
C VAL B 228 -15.03 5.67 24.28
N LEU B 229 -13.79 5.40 24.71
CA LEU B 229 -13.44 4.06 25.19
C LEU B 229 -14.19 3.71 26.48
N ASP B 230 -14.30 4.66 27.42
CA ASP B 230 -15.02 4.41 28.66
C ASP B 230 -16.52 4.27 28.44
N ALA B 231 -17.05 4.83 27.36
CA ALA B 231 -18.46 4.67 27.03
C ALA B 231 -18.75 3.25 26.56
N ARG B 239 -28.86 -2.77 18.16
CA ARG B 239 -28.19 -1.75 17.35
C ARG B 239 -28.83 -1.63 15.96
N PRO B 240 -29.16 -0.39 15.56
CA PRO B 240 -29.79 -0.20 14.24
C PRO B 240 -28.81 -0.45 13.11
N GLY B 241 -29.32 -1.02 12.02
CA GLY B 241 -28.47 -1.32 10.89
C GLY B 241 -28.29 -0.12 9.96
N PHE B 242 -27.10 -0.01 9.40
CA PHE B 242 -26.89 0.94 8.31
C PHE B 242 -27.58 0.42 7.06
N PRO B 243 -28.34 1.26 6.33
CA PRO B 243 -29.09 0.75 5.18
C PRO B 243 -28.20 0.44 3.98
N ALA B 244 -28.69 -0.48 3.14
CA ALA B 244 -27.99 -0.86 1.92
C ALA B 244 -28.30 0.10 0.78
N MET B 245 -27.28 0.37 -0.05
CA MET B 245 -27.40 1.15 -1.27
C MET B 245 -28.09 0.30 -2.35
N PRO B 246 -29.03 0.88 -3.10
CA PRO B 246 -29.81 0.07 -4.03
C PRO B 246 -28.98 -0.50 -5.17
N ASP B 247 -29.49 -1.60 -5.73
CA ASP B 247 -28.76 -2.36 -6.75
C ASP B 247 -28.62 -1.55 -8.01
N GLY B 248 -27.67 -1.97 -8.84
CA GLY B 248 -27.48 -1.40 -10.15
C GLY B 248 -26.60 -0.15 -10.14
N ASP B 249 -26.72 0.61 -11.22
CA ASP B 249 -25.91 1.79 -11.46
C ASP B 249 -26.50 2.96 -10.67
N ASN B 250 -25.79 3.39 -9.64
CA ASN B 250 -26.26 4.50 -8.84
C ASN B 250 -25.77 5.86 -9.35
N TRP B 251 -25.02 5.92 -10.44
CA TRP B 251 -24.54 7.21 -10.93
C TRP B 251 -25.65 8.21 -11.22
N PRO B 252 -26.76 7.86 -11.91
CA PRO B 252 -27.81 8.88 -12.14
C PRO B 252 -28.35 9.44 -10.85
N HIS B 253 -28.48 8.58 -9.83
CA HIS B 253 -28.99 9.05 -8.55
C HIS B 253 -27.99 9.96 -7.85
N VAL B 254 -26.70 9.62 -7.95
CA VAL B 254 -25.66 10.48 -7.39
C VAL B 254 -25.69 11.85 -8.06
N ARG B 255 -25.80 11.87 -9.40
CA ARG B 255 -25.88 13.15 -10.11
C ARG B 255 -27.02 14.01 -9.58
N ARG B 256 -28.19 13.41 -9.32
CA ARG B 256 -29.32 14.17 -8.80
C ARG B 256 -29.13 14.56 -7.34
N VAL B 257 -28.52 13.68 -6.54
CA VAL B 257 -28.22 14.04 -5.15
C VAL B 257 -27.24 15.22 -5.13
N LEU B 258 -26.27 15.23 -6.03
CA LEU B 258 -25.28 16.31 -6.05
C LEU B 258 -25.90 17.65 -6.45
N GLU B 259 -26.93 17.64 -7.31
CA GLU B 259 -27.63 18.88 -7.64
C GLU B 259 -28.27 19.47 -6.40
N TRP B 260 -28.95 18.63 -5.61
CA TRP B 260 -29.59 19.09 -4.38
C TRP B 260 -28.57 19.48 -3.33
N GLU B 261 -27.46 18.74 -3.22
CA GLU B 261 -26.41 19.06 -2.25
C GLU B 261 -25.99 20.52 -2.40
N GLU B 262 -25.72 20.94 -3.64
CA GLU B 262 -25.23 22.29 -3.89
C GLU B 262 -26.31 23.33 -3.59
N ARG B 263 -27.56 23.04 -3.97
CA ARG B 263 -28.66 23.98 -3.74
C ARG B 263 -28.87 24.22 -2.26
N LEU B 264 -28.88 23.14 -1.46
CA LEU B 264 -29.07 23.25 -0.02
C LEU B 264 -27.86 23.87 0.67
N ARG B 265 -26.66 23.49 0.25
CA ARG B 265 -25.46 24.05 0.86
C ARG B 265 -25.41 25.57 0.71
N THR B 266 -25.74 26.07 -0.48
CA THR B 266 -25.71 27.51 -0.74
C THR B 266 -26.98 28.21 -0.28
N ASN B 267 -27.92 27.48 0.33
CA ASN B 267 -29.21 28.00 0.73
C ASN B 267 -30.00 28.56 -0.44
N ALA B 268 -29.72 28.07 -1.66
CA ALA B 268 -30.52 28.45 -2.84
C ALA B 268 -31.85 27.71 -2.89
N ALA B 269 -32.09 26.77 -1.98
CA ALA B 269 -33.35 26.03 -1.93
C ALA B 269 -33.48 25.42 -0.55
N ARG B 270 -34.71 25.07 -0.19
CA ARG B 270 -35.01 24.32 1.00
C ARG B 270 -36.04 23.25 0.65
N LEU B 271 -36.08 22.19 1.44
CA LEU B 271 -36.98 21.08 1.18
C LEU B 271 -37.76 20.76 2.44
N SER B 272 -39.09 20.81 2.33
CA SER B 272 -39.96 20.37 3.40
C SER B 272 -39.99 18.85 3.46
N ALA B 273 -40.62 18.32 4.51
CA ALA B 273 -40.77 16.88 4.62
C ALA B 273 -41.52 16.31 3.40
N ASP B 274 -42.59 16.99 2.97
CA ASP B 274 -43.30 16.55 1.77
C ASP B 274 -42.42 16.71 0.53
N ALA B 275 -41.73 17.84 0.41
CA ALA B 275 -40.89 18.02 -0.78
C ALA B 275 -39.84 16.93 -0.88
N LEU B 276 -39.34 16.43 0.26
CA LEU B 276 -38.34 15.36 0.20
C LEU B 276 -38.95 14.05 -0.29
N ASP B 277 -40.15 13.69 0.18
CA ASP B 277 -40.81 12.46 -0.29
C ASP B 277 -41.09 12.49 -1.78
N ALA B 278 -41.36 13.68 -2.32
CA ALA B 278 -41.72 13.83 -3.72
C ALA B 278 -40.53 13.74 -4.67
N LEU B 279 -39.30 13.69 -4.15
CA LEU B 279 -38.13 13.67 -5.03
C LEU B 279 -38.12 12.40 -5.86
N ASP B 280 -37.67 12.55 -7.12
CA ASP B 280 -37.52 11.42 -8.02
C ASP B 280 -36.23 10.67 -7.72
N LEU B 281 -36.21 9.99 -6.57
CA LEU B 281 -35.03 9.28 -6.10
C LEU B 281 -35.46 7.99 -5.41
N PRO B 282 -34.64 6.93 -5.46
CA PRO B 282 -34.83 5.82 -4.53
C PRO B 282 -34.78 6.32 -3.09
N ALA B 283 -35.52 5.61 -2.22
CA ALA B 283 -35.66 6.04 -0.83
C ALA B 283 -34.31 6.22 -0.15
N TYR B 284 -33.36 5.33 -0.44
CA TYR B 284 -32.00 5.44 0.11
C TYR B 284 -31.40 6.82 -0.16
N TRP B 285 -31.57 7.32 -1.37
CA TRP B 285 -30.96 8.60 -1.71
C TRP B 285 -31.80 9.78 -1.25
N LYS B 286 -33.13 9.60 -1.10
CA LYS B 286 -33.95 10.66 -0.51
C LYS B 286 -33.52 10.93 0.94
N HIS B 287 -33.16 9.87 1.67
CA HIS B 287 -32.69 10.05 3.03
C HIS B 287 -31.38 10.84 3.06
N VAL B 288 -30.49 10.61 2.08
CA VAL B 288 -29.26 11.41 1.99
C VAL B 288 -29.58 12.87 1.75
N VAL B 289 -30.53 13.17 0.85
CA VAL B 289 -30.91 14.56 0.63
C VAL B 289 -31.51 15.15 1.89
N ALA B 290 -32.30 14.35 2.63
CA ALA B 290 -32.86 14.79 3.90
C ALA B 290 -31.76 15.15 4.89
N LEU B 291 -30.65 14.41 4.88
CA LEU B 291 -29.53 14.78 5.75
C LEU B 291 -28.96 16.13 5.37
N PHE B 292 -28.82 16.39 4.07
CA PHE B 292 -28.36 17.70 3.65
C PHE B 292 -29.36 18.80 4.04
N GLU B 293 -30.66 18.54 3.90
CA GLU B 293 -31.63 19.57 4.31
C GLU B 293 -31.56 19.81 5.82
N ALA B 294 -31.46 18.73 6.62
CA ALA B 294 -31.31 18.91 8.06
C ALA B 294 -30.06 19.72 8.37
N HIS B 295 -28.98 19.46 7.64
CA HIS B 295 -27.75 20.20 7.83
C HIS B 295 -27.92 21.66 7.44
N ARG B 296 -28.70 21.93 6.38
CA ARG B 296 -28.94 23.31 5.98
C ARG B 296 -29.67 24.09 7.06
N GLN B 297 -30.65 23.46 7.70
CA GLN B 297 -31.38 24.10 8.80
C GLN B 297 -30.45 24.50 9.93
N VAL B 298 -29.42 23.69 10.19
CA VAL B 298 -28.46 24.00 11.26
C VAL B 298 -27.56 25.17 10.85
N ARG B 299 -26.93 25.06 9.68
CA ARG B 299 -25.88 26.00 9.28
C ARG B 299 -26.41 27.31 8.76
N HIS B 300 -27.64 27.34 8.26
CA HIS B 300 -28.24 28.58 7.84
C HIS B 300 -29.31 29.04 8.81
N GLU B 301 -29.38 28.40 9.97
CA GLU B 301 -30.19 28.83 11.11
C GLU B 301 -31.63 29.08 10.69
N ASP B 302 -32.17 28.10 9.96
CA ASP B 302 -33.59 27.95 9.72
C ASP B 302 -34.22 27.24 10.92
N THR B 303 -35.55 27.10 10.89
CA THR B 303 -36.21 26.44 12.01
C THR B 303 -36.37 24.95 11.71
N PRO B 304 -36.03 24.05 12.64
CA PRO B 304 -36.02 22.58 12.43
C PRO B 304 -37.39 21.96 12.12
N LEU B 309 -37.28 13.93 9.06
CA LEU B 309 -36.65 13.39 10.25
C LEU B 309 -37.34 12.10 10.69
N ALA B 310 -38.66 12.07 10.53
CA ALA B 310 -39.43 10.88 10.86
C ALA B 310 -39.23 9.78 9.82
N ALA B 311 -39.01 10.16 8.56
CA ALA B 311 -38.77 9.18 7.52
C ALA B 311 -37.35 8.62 7.54
N LEU B 312 -36.45 9.17 8.40
CA LEU B 312 -35.06 8.77 8.36
C LEU B 312 -34.84 7.40 9.02
N PRO B 313 -33.93 6.59 8.49
CA PRO B 313 -33.48 5.41 9.23
C PRO B 313 -32.95 5.79 10.61
N GLU B 314 -33.09 4.86 11.55
CA GLU B 314 -32.78 5.16 12.95
C GLU B 314 -31.30 5.52 13.12
N VAL B 315 -30.42 4.90 12.34
CA VAL B 315 -29.00 5.24 12.45
C VAL B 315 -28.78 6.73 12.18
N TYR B 316 -29.49 7.29 11.19
CA TYR B 316 -29.31 8.71 10.88
C TYR B 316 -29.92 9.59 11.96
N ARG B 317 -31.10 9.21 12.48
CA ARG B 317 -31.73 9.94 13.59
C ARG B 317 -30.79 10.06 14.77
N GLN B 318 -30.17 8.94 15.17
CA GLN B 318 -29.25 8.95 16.30
C GLN B 318 -28.08 9.89 16.02
N SER B 319 -27.50 9.80 14.82
CA SER B 319 -26.37 10.67 14.50
C SER B 319 -26.78 12.14 14.59
N LEU B 320 -27.94 12.50 14.01
CA LEU B 320 -28.40 13.88 14.10
C LEU B 320 -28.72 14.29 15.53
N ALA B 321 -29.38 13.40 16.27
CA ALA B 321 -29.78 13.75 17.64
C ALA B 321 -28.56 14.00 18.52
N VAL B 322 -27.49 13.22 18.30
CA VAL B 322 -26.31 13.35 19.14
C VAL B 322 -25.43 14.51 18.69
N LYS B 323 -25.37 14.78 17.39
CA LYS B 323 -24.46 15.81 16.89
C LYS B 323 -25.03 17.22 17.08
N TRP B 324 -26.35 17.38 16.93
CA TRP B 324 -27.03 18.67 17.10
C TRP B 324 -28.23 18.48 18.00
N PRO B 325 -28.01 18.24 19.29
CA PRO B 325 -29.15 17.95 20.18
C PRO B 325 -30.17 19.07 20.25
N GLY B 326 -29.72 20.32 20.25
CA GLY B 326 -30.63 21.45 20.27
C GLY B 326 -31.57 21.51 19.08
N HIS B 327 -31.24 20.83 17.99
CA HIS B 327 -32.09 20.82 16.80
C HIS B 327 -32.89 19.54 16.63
N PHE B 328 -32.26 18.38 16.85
CA PHE B 328 -32.91 17.11 16.55
C PHE B 328 -32.84 16.14 17.71
N GLY B 329 -32.44 16.59 18.90
CA GLY B 329 -32.42 15.73 20.07
C GLY B 329 -33.78 15.52 20.71
#